data_6XSX
#
_entry.id   6XSX
#
_cell.length_a   60.168
_cell.length_b   54.553
_cell.length_c   90.984
_cell.angle_alpha   90.000
_cell.angle_beta   93.200
_cell.angle_gamma   90.000
#
_symmetry.space_group_name_H-M   'P 1 21 1'
#
loop_
_entity.id
_entity.type
_entity.pdbx_description
1 polymer 'ZmpA Glycopeptidase'
2 non-polymer '2-(N-MORPHOLINO)-ETHANESULFONIC ACID'
3 non-polymer 1,2-ETHANEDIOL
4 water water
#
_entity_poly.entity_id   1
_entity_poly.type   'polypeptide(L)'
_entity_poly.pdbx_seq_one_letter_code
;MGSSHHHHHHSSGLVPRGSHMASVFELQSRGNSIKESQKRKVWNFQDWQPTGYAVKSGQVITVYVDVEDGKPTPKLVFKQ
MDSQHNGDVTISLSKGKNVITIPEKPTNELRPGTAKAGVLYTSNPYTSEEQGRKPKIRIEGAINYPNYIKGIDNDEEVMN
DLEEYVDLLKKDPQLPDVFDVFSDKTLVNVTATYALNWYKNNNKLPSETANKSDEVIKETMKYWGFDESSEVNSDFNFRY
ISMLKWLDNGGFMNAGNGITGFNKAEQGGALGVDTGWGFMHEMGHNFDTNNRTIVEVTNNMLPLHFERIKGVPSNITRQN
LWERNILPKVALDDYSNNEYYPESDKSLLSHVAPLWQLQLYDKTFWPRFEQEFRSRDIGGGSWENKHNAWVMAASDVFKL
DLSEHFERHGMDVWKETKEYTSKYPKPSNKLWYANDKMYLNKGGVFTENLKFEAEAKIVNGNDVSISFDIDNENKNNVIG
YEISRDGKTIGFTSTNNFVDHGANIDENHEYSIVAYDNEINPSKPYNFK
;
_entity_poly.pdbx_strand_id   A
#
loop_
_chem_comp.id
_chem_comp.type
_chem_comp.name
_chem_comp.formula
EDO non-polymer 1,2-ETHANEDIOL 'C2 H6 O2'
MES non-polymer '2-(N-MORPHOLINO)-ETHANESULFONIC ACID' 'C6 H13 N O4 S'
#
# COMPACT_ATOMS: atom_id res chain seq x y z
N GLY A 18 -13.60 5.28 -24.10
CA GLY A 18 -14.18 4.20 -24.93
C GLY A 18 -13.67 4.27 -26.37
N SER A 19 -14.40 3.62 -27.27
CA SER A 19 -13.88 3.37 -28.60
C SER A 19 -14.61 4.21 -29.66
N HIS A 20 -15.46 5.13 -29.18
CA HIS A 20 -16.09 6.11 -30.02
C HIS A 20 -15.94 7.49 -29.36
N MET A 21 -14.69 7.97 -29.31
CA MET A 21 -14.33 9.25 -28.72
C MET A 21 -13.95 10.28 -29.79
N ALA A 22 -13.96 11.56 -29.41
CA ALA A 22 -13.64 12.70 -30.27
C ALA A 22 -12.22 12.57 -30.80
N SER A 23 -12.03 12.90 -32.08
CA SER A 23 -10.72 12.82 -32.70
C SER A 23 -9.82 13.96 -32.22
N VAL A 24 -10.42 15.11 -31.90
CA VAL A 24 -9.66 16.23 -31.36
C VAL A 24 -9.76 16.19 -29.83
N PHE A 25 -8.60 16.06 -29.17
CA PHE A 25 -8.49 16.05 -27.72
C PHE A 25 -7.95 17.40 -27.27
N GLU A 26 -8.65 18.02 -26.31
CA GLU A 26 -8.12 19.19 -25.64
C GLU A 26 -7.45 18.73 -24.34
N LEU A 27 -6.19 19.14 -24.12
CA LEU A 27 -5.44 18.64 -22.98
C LEU A 27 -5.33 19.70 -21.88
N GLN A 28 -5.70 19.29 -20.66
CA GLN A 28 -5.52 20.08 -19.46
C GLN A 28 -4.02 20.28 -19.27
N SER A 29 -3.63 21.45 -18.74
CA SER A 29 -2.27 21.71 -18.33
C SER A 29 -2.11 21.24 -16.89
N ARG A 30 -1.54 20.05 -16.71
CA ARG A 30 -1.74 19.30 -15.47
C ARG A 30 -0.52 19.38 -14.55
N GLY A 31 0.54 20.05 -15.02
CA GLY A 31 1.72 20.25 -14.19
C GLY A 31 2.63 19.03 -14.20
N ASN A 32 3.83 19.18 -13.63
CA ASN A 32 4.84 18.15 -13.70
C ASN A 32 4.66 17.21 -12.51
N SER A 33 4.14 16.01 -12.77
CA SER A 33 3.72 15.16 -11.68
C SER A 33 4.92 14.55 -10.97
N ILE A 34 6.08 14.52 -11.65
CA ILE A 34 7.31 14.01 -11.05
C ILE A 34 7.77 14.99 -9.96
N LYS A 35 7.75 16.28 -10.30
CA LYS A 35 8.19 17.33 -9.37
C LYS A 35 7.22 17.41 -8.19
N GLU A 36 5.91 17.40 -8.49
CA GLU A 36 4.89 17.43 -7.46
C GLU A 36 5.07 16.24 -6.51
N SER A 37 5.43 15.09 -7.08
CA SER A 37 5.67 13.88 -6.31
C SER A 37 6.76 14.13 -5.27
N GLN A 38 7.87 14.73 -5.73
CA GLN A 38 9.05 14.87 -4.91
C GLN A 38 8.78 15.80 -3.73
N LYS A 39 7.90 16.79 -3.94
CA LYS A 39 7.48 17.67 -2.86
C LYS A 39 6.88 16.84 -1.72
N ARG A 40 6.21 15.74 -2.07
CA ARG A 40 5.35 15.02 -1.13
C ARG A 40 5.98 13.69 -0.73
N LYS A 41 7.22 13.46 -1.16
CA LYS A 41 8.02 12.28 -0.85
C LYS A 41 7.37 11.01 -1.38
N VAL A 42 6.58 11.10 -2.45
CA VAL A 42 6.15 9.86 -3.12
C VAL A 42 7.02 9.64 -4.37
N TRP A 43 6.90 8.45 -4.94
CA TRP A 43 7.90 7.91 -5.85
C TRP A 43 7.55 8.24 -7.31
N ASN A 44 7.73 9.51 -7.69
CA ASN A 44 7.72 10.00 -9.06
C ASN A 44 6.53 9.46 -9.85
N PHE A 45 5.32 9.83 -9.43
CA PHE A 45 4.12 9.34 -10.05
C PHE A 45 4.03 9.90 -11.48
N GLN A 46 3.50 9.08 -12.40
CA GLN A 46 3.22 9.49 -13.76
C GLN A 46 1.86 10.19 -13.79
N ASP A 47 1.48 10.71 -14.97
CA ASP A 47 0.20 11.37 -15.12
C ASP A 47 -0.35 11.08 -16.53
N TRP A 48 -0.19 9.84 -16.97
CA TRP A 48 -0.68 9.38 -18.27
C TRP A 48 -2.18 9.59 -18.39
N GLN A 49 -2.61 10.14 -19.54
CA GLN A 49 -4.02 10.41 -19.82
C GLN A 49 -4.44 9.68 -21.09
N PRO A 50 -5.71 9.19 -21.15
CA PRO A 50 -6.18 8.30 -22.20
C PRO A 50 -6.24 8.89 -23.61
N THR A 51 -5.95 8.04 -24.61
CA THR A 51 -6.22 8.37 -26.00
C THR A 51 -7.15 7.33 -26.61
N GLY A 52 -7.05 6.07 -26.14
CA GLY A 52 -7.85 4.98 -26.66
C GLY A 52 -7.27 4.38 -27.95
N TYR A 53 -6.03 4.76 -28.31
CA TYR A 53 -5.41 4.29 -29.53
C TYR A 53 -4.34 3.24 -29.27
N ALA A 54 -4.34 2.23 -30.14
CA ALA A 54 -3.33 1.18 -30.20
C ALA A 54 -2.49 1.37 -31.46
N VAL A 55 -1.21 0.98 -31.36
CA VAL A 55 -0.30 1.02 -32.49
C VAL A 55 0.58 -0.23 -32.46
N LYS A 56 1.14 -0.56 -33.63
CA LYS A 56 2.17 -1.58 -33.80
C LYS A 56 3.53 -0.88 -33.89
N SER A 57 4.55 -1.48 -33.26
CA SER A 57 5.91 -1.00 -33.42
C SER A 57 6.23 -0.90 -34.91
N GLY A 58 6.88 0.20 -35.33
CA GLY A 58 7.30 0.33 -36.71
C GLY A 58 6.24 0.92 -37.62
N GLN A 59 5.01 1.14 -37.11
CA GLN A 59 4.02 1.81 -37.94
C GLN A 59 4.23 3.32 -37.86
N VAL A 60 3.69 4.01 -38.87
CA VAL A 60 3.68 5.46 -38.94
C VAL A 60 2.32 5.94 -38.43
N ILE A 61 2.34 7.00 -37.63
CA ILE A 61 1.14 7.73 -37.27
C ILE A 61 1.43 9.20 -37.53
N THR A 62 0.37 9.99 -37.70
CA THR A 62 0.52 11.42 -37.92
C THR A 62 -0.23 12.15 -36.81
N VAL A 63 0.49 13.00 -36.07
CA VAL A 63 -0.12 13.66 -34.93
C VAL A 63 -0.08 15.16 -35.17
N TYR A 64 -1.25 15.78 -35.03
CA TYR A 64 -1.39 17.22 -35.19
C TYR A 64 -1.48 17.85 -33.80
N VAL A 65 -0.67 18.90 -33.59
CA VAL A 65 -0.54 19.54 -32.30
C VAL A 65 -0.79 21.04 -32.47
N ASP A 66 -1.73 21.57 -31.69
CA ASP A 66 -1.98 23.00 -31.66
C ASP A 66 -1.71 23.53 -30.25
N VAL A 67 -0.67 24.38 -30.12
CA VAL A 67 -0.40 25.18 -28.93
C VAL A 67 -0.17 26.61 -29.39
N GLU A 68 -0.19 27.57 -28.45
CA GLU A 68 0.22 28.93 -28.75
C GLU A 68 1.67 28.90 -29.20
N ASP A 69 1.99 29.73 -30.20
CA ASP A 69 3.34 29.79 -30.75
C ASP A 69 4.34 29.99 -29.62
N GLY A 70 5.41 29.20 -29.65
CA GLY A 70 6.52 29.37 -28.73
C GLY A 70 6.31 28.70 -27.37
N LYS A 71 5.11 28.14 -27.13
CA LYS A 71 4.76 27.55 -25.85
C LYS A 71 5.11 26.06 -25.83
N PRO A 72 5.36 25.46 -24.65
CA PRO A 72 5.70 24.03 -24.59
C PRO A 72 4.57 23.11 -25.05
N THR A 73 4.96 21.98 -25.64
CA THR A 73 4.03 21.05 -26.28
C THR A 73 3.89 19.82 -25.39
N PRO A 74 2.69 19.17 -25.39
CA PRO A 74 2.50 17.90 -24.69
C PRO A 74 3.31 16.81 -25.39
N LYS A 75 3.39 15.66 -24.73
CA LYS A 75 4.13 14.50 -25.21
C LYS A 75 3.15 13.34 -25.40
N LEU A 76 3.52 12.42 -26.30
CA LEU A 76 2.86 11.14 -26.41
C LEU A 76 3.70 10.12 -25.64
N VAL A 77 3.01 9.18 -24.98
CA VAL A 77 3.65 8.02 -24.39
C VAL A 77 3.17 6.79 -25.17
N PHE A 78 4.13 6.06 -25.75
CA PHE A 78 3.91 4.72 -26.26
C PHE A 78 4.24 3.75 -25.13
N LYS A 79 3.31 2.81 -24.87
CA LYS A 79 3.52 1.80 -23.86
C LYS A 79 3.38 0.43 -24.52
N GLN A 80 4.50 -0.29 -24.61
CA GLN A 80 4.54 -1.67 -25.07
C GLN A 80 3.93 -2.57 -23.99
N MET A 81 3.11 -3.54 -24.41
CA MET A 81 2.45 -4.45 -23.49
C MET A 81 3.41 -5.48 -22.92
N ASP A 82 3.23 -5.81 -21.64
CA ASP A 82 3.76 -7.01 -21.00
C ASP A 82 5.30 -7.08 -21.07
N SER A 83 5.95 -5.96 -20.74
CA SER A 83 7.39 -5.93 -20.57
C SER A 83 7.72 -6.36 -19.14
N GLN A 84 8.97 -6.77 -18.90
CA GLN A 84 9.44 -6.96 -17.53
C GLN A 84 9.56 -5.59 -16.86
N HIS A 85 9.67 -4.54 -17.69
CA HIS A 85 9.71 -3.16 -17.25
C HIS A 85 8.36 -2.50 -17.51
N ASN A 86 8.33 -1.17 -17.53
CA ASN A 86 7.10 -0.42 -17.71
C ASN A 86 6.68 -0.39 -19.19
N GLY A 87 7.66 -0.49 -20.10
CA GLY A 87 7.42 -0.63 -21.53
C GLY A 87 7.21 0.70 -22.26
N ASP A 88 7.40 1.84 -21.57
CA ASP A 88 7.07 3.13 -22.13
C ASP A 88 8.24 3.78 -22.87
N VAL A 89 7.90 4.57 -23.89
CA VAL A 89 8.82 5.50 -24.53
C VAL A 89 8.09 6.83 -24.62
N THR A 90 8.77 7.91 -24.21
CA THR A 90 8.24 9.25 -24.35
C THR A 90 8.54 9.77 -25.74
N ILE A 91 7.52 10.30 -26.44
CA ILE A 91 7.71 10.84 -27.79
C ILE A 91 7.39 12.33 -27.76
N SER A 92 8.41 13.14 -28.08
CA SER A 92 8.25 14.58 -28.13
C SER A 92 7.49 14.99 -29.39
N LEU A 93 6.74 16.10 -29.28
CA LEU A 93 5.89 16.61 -30.34
C LEU A 93 6.22 18.07 -30.57
N SER A 94 6.05 18.52 -31.80
CA SER A 94 6.18 19.94 -32.09
C SER A 94 4.83 20.50 -32.57
N LYS A 95 4.70 21.82 -32.56
CA LYS A 95 3.45 22.38 -33.08
C LYS A 95 3.29 22.01 -34.57
N GLY A 96 2.04 21.76 -34.98
CA GLY A 96 1.74 21.38 -36.34
C GLY A 96 1.77 19.86 -36.54
N LYS A 97 2.30 19.43 -37.68
CA LYS A 97 2.23 18.03 -38.12
C LYS A 97 3.45 17.25 -37.61
N ASN A 98 3.21 16.03 -37.12
CA ASN A 98 4.27 15.15 -36.66
C ASN A 98 4.10 13.77 -37.31
N VAL A 99 5.05 13.40 -38.18
CA VAL A 99 5.08 12.07 -38.75
C VAL A 99 5.95 11.19 -37.84
N ILE A 100 5.32 10.27 -37.11
CA ILE A 100 6.01 9.50 -36.08
C ILE A 100 6.04 8.01 -36.46
N THR A 101 7.25 7.45 -36.38
CA THR A 101 7.46 6.01 -36.42
C THR A 101 7.39 5.47 -34.99
N ILE A 102 6.46 4.54 -34.75
CA ILE A 102 6.31 3.98 -33.42
C ILE A 102 7.56 3.16 -33.09
N PRO A 103 8.22 3.37 -31.94
CA PRO A 103 9.43 2.62 -31.62
C PRO A 103 9.16 1.17 -31.21
N GLU A 104 10.25 0.44 -30.97
CA GLU A 104 10.17 -0.98 -30.70
C GLU A 104 11.09 -1.31 -29.51
N LYS A 105 10.53 -2.00 -28.51
CA LYS A 105 11.31 -2.43 -27.35
C LYS A 105 12.12 -3.66 -27.74
N PRO A 106 13.29 -3.92 -27.11
CA PRO A 106 14.02 -5.17 -27.33
C PRO A 106 13.14 -6.38 -27.01
N THR A 107 13.15 -7.37 -27.91
CA THR A 107 12.42 -8.61 -27.78
C THR A 107 12.65 -9.26 -26.42
N ASN A 108 13.88 -9.18 -25.91
CA ASN A 108 14.24 -9.96 -24.74
C ASN A 108 13.60 -9.38 -23.46
N GLU A 109 12.97 -8.20 -23.55
CA GLU A 109 12.33 -7.56 -22.41
C GLU A 109 10.88 -7.98 -22.24
N LEU A 110 10.33 -8.70 -23.23
CA LEU A 110 8.88 -8.93 -23.28
C LEU A 110 8.57 -10.37 -22.94
N ARG A 111 7.38 -10.62 -22.36
CA ARG A 111 6.96 -11.99 -22.14
C ARG A 111 7.00 -12.71 -23.48
N PRO A 112 7.58 -13.92 -23.55
CA PRO A 112 7.64 -14.66 -24.81
C PRO A 112 6.27 -14.71 -25.49
N GLY A 113 6.25 -14.36 -26.78
CA GLY A 113 5.06 -14.44 -27.62
C GLY A 113 4.27 -13.13 -27.65
N THR A 114 4.82 -12.05 -27.10
CA THR A 114 4.11 -10.78 -27.10
C THR A 114 4.41 -10.04 -28.39
N ALA A 115 3.36 -9.56 -29.05
CA ALA A 115 3.47 -8.70 -30.22
C ALA A 115 4.24 -7.42 -29.86
N LYS A 116 5.00 -6.91 -30.83
CA LYS A 116 5.66 -5.63 -30.68
C LYS A 116 4.62 -4.55 -30.98
N ALA A 117 3.95 -4.09 -29.92
CA ALA A 117 2.80 -3.22 -30.08
C ALA A 117 2.33 -2.77 -28.70
N GLY A 118 1.49 -1.73 -28.68
CA GLY A 118 0.95 -1.22 -27.44
C GLY A 118 0.00 -0.05 -27.69
N VAL A 119 -0.08 0.86 -26.71
CA VAL A 119 -1.10 1.90 -26.69
C VAL A 119 -0.44 3.26 -26.48
N LEU A 120 -1.22 4.33 -26.73
CA LEU A 120 -0.78 5.70 -26.58
C LEU A 120 -1.53 6.35 -25.43
N TYR A 121 -0.77 7.05 -24.59
CA TYR A 121 -1.28 7.99 -23.61
C TYR A 121 -0.68 9.37 -23.88
N THR A 122 -1.29 10.41 -23.30
CA THR A 122 -0.71 11.74 -23.34
C THR A 122 -0.12 12.07 -21.98
N SER A 123 0.96 12.87 -22.04
CA SER A 123 1.57 13.48 -20.87
C SER A 123 1.73 14.96 -21.18
N ASN A 124 1.19 15.81 -20.28
CA ASN A 124 1.24 17.25 -20.50
C ASN A 124 1.73 17.92 -19.23
N PRO A 125 3.04 17.82 -18.91
CA PRO A 125 3.54 18.18 -17.58
C PRO A 125 3.89 19.67 -17.42
N TYR A 126 2.92 20.53 -17.76
CA TYR A 126 3.10 21.98 -17.70
C TYR A 126 1.89 22.62 -17.05
N THR A 127 2.11 23.81 -16.47
CA THR A 127 1.03 24.58 -15.87
C THR A 127 0.41 25.52 -16.90
N SER A 128 -0.81 25.97 -16.60
CA SER A 128 -1.51 27.00 -17.35
C SER A 128 -0.60 28.18 -17.61
N GLU A 129 0.02 28.69 -16.55
CA GLU A 129 0.88 29.87 -16.65
C GLU A 129 2.01 29.60 -17.64
N GLU A 130 2.54 28.37 -17.66
CA GLU A 130 3.66 28.00 -18.52
C GLU A 130 3.22 27.84 -19.98
N GLN A 131 2.03 27.27 -20.19
CA GLN A 131 1.68 26.72 -21.50
C GLN A 131 0.72 27.64 -22.24
N GLY A 132 -0.02 28.48 -21.50
CA GLY A 132 -1.06 29.28 -22.13
C GLY A 132 -2.30 28.44 -22.40
N ARG A 133 -2.88 28.56 -23.60
CA ARG A 133 -4.13 27.88 -23.89
C ARG A 133 -3.90 26.37 -23.94
N LYS A 134 -4.93 25.60 -23.59
CA LYS A 134 -4.82 24.16 -23.56
C LYS A 134 -4.45 23.64 -24.95
N PRO A 135 -3.46 22.73 -25.06
CA PRO A 135 -3.16 22.08 -26.33
C PRO A 135 -4.36 21.31 -26.87
N LYS A 136 -4.45 21.24 -28.20
CA LYS A 136 -5.35 20.34 -28.88
C LYS A 136 -4.50 19.41 -29.72
N ILE A 137 -4.84 18.12 -29.72
CA ILE A 137 -4.13 17.21 -30.61
C ILE A 137 -5.13 16.29 -31.31
N ARG A 138 -4.69 15.79 -32.47
CA ARG A 138 -5.41 14.79 -33.22
C ARG A 138 -4.41 13.73 -33.68
N ILE A 139 -4.82 12.46 -33.59
CA ILE A 139 -3.97 11.36 -33.98
C ILE A 139 -4.61 10.65 -35.17
N GLU A 140 -3.84 10.50 -36.26
CA GLU A 140 -4.28 9.75 -37.44
C GLU A 140 -3.49 8.46 -37.56
N GLY A 141 -4.19 7.38 -37.96
CA GLY A 141 -3.56 6.16 -38.44
C GLY A 141 -3.49 5.07 -37.37
N ALA A 142 -4.11 5.31 -36.21
CA ALA A 142 -4.06 4.34 -35.12
C ALA A 142 -5.36 3.56 -35.04
N ILE A 143 -5.37 2.50 -34.25
CA ILE A 143 -6.53 1.62 -34.10
C ILE A 143 -7.10 1.84 -32.70
N ASN A 144 -8.43 1.81 -32.57
CA ASN A 144 -9.07 1.87 -31.25
C ASN A 144 -8.90 0.55 -30.52
N TYR A 145 -8.45 0.63 -29.26
CA TYR A 145 -8.40 -0.55 -28.41
C TYR A 145 -9.42 -0.35 -27.29
N PRO A 146 -9.95 -1.43 -26.64
CA PRO A 146 -10.99 -1.27 -25.63
C PRO A 146 -10.48 -0.71 -24.31
N ASN A 147 -11.23 0.27 -23.79
CA ASN A 147 -10.84 1.00 -22.61
C ASN A 147 -12.11 1.54 -21.97
N TYR A 148 -12.11 1.65 -20.64
CA TYR A 148 -13.21 2.28 -19.92
C TYR A 148 -12.68 3.54 -19.26
N ILE A 149 -13.38 4.65 -19.46
CA ILE A 149 -13.02 5.91 -18.82
C ILE A 149 -14.16 6.34 -17.93
N LYS A 150 -13.90 6.35 -16.61
CA LYS A 150 -14.89 6.70 -15.63
C LYS A 150 -15.38 8.12 -15.93
N GLY A 151 -16.71 8.27 -15.97
CA GLY A 151 -17.34 9.56 -16.18
C GLY A 151 -17.68 9.78 -17.65
N ILE A 152 -17.24 8.85 -18.51
CA ILE A 152 -17.48 8.98 -19.94
C ILE A 152 -18.22 7.75 -20.46
N ASP A 153 -17.74 6.57 -20.08
CA ASP A 153 -18.11 5.33 -20.76
C ASP A 153 -19.26 4.65 -20.03
N ASN A 154 -19.94 3.72 -20.72
CA ASN A 154 -20.87 2.81 -20.05
C ASN A 154 -20.40 1.36 -20.24
N ASP A 155 -20.81 0.52 -19.29
CA ASP A 155 -20.36 -0.86 -19.22
C ASP A 155 -20.77 -1.68 -20.44
N GLU A 156 -22.03 -1.49 -20.89
CA GLU A 156 -22.56 -2.26 -22.00
C GLU A 156 -21.71 -2.03 -23.26
N GLU A 157 -21.46 -0.76 -23.59
CA GLU A 157 -20.67 -0.46 -24.77
C GLU A 157 -19.27 -1.05 -24.67
N VAL A 158 -18.63 -0.90 -23.51
CA VAL A 158 -17.21 -1.23 -23.43
C VAL A 158 -17.05 -2.75 -23.53
N MET A 159 -18.01 -3.47 -22.94
CA MET A 159 -18.05 -4.92 -23.06
C MET A 159 -18.23 -5.34 -24.51
N ASN A 160 -19.03 -4.58 -25.27
CA ASN A 160 -19.17 -4.79 -26.70
C ASN A 160 -17.84 -4.51 -27.41
N ASP A 161 -17.18 -3.41 -27.04
CA ASP A 161 -15.85 -3.08 -27.55
C ASP A 161 -14.89 -4.24 -27.32
N LEU A 162 -14.95 -4.84 -26.13
CA LEU A 162 -14.05 -5.93 -25.78
C LEU A 162 -14.30 -7.14 -26.66
N GLU A 163 -15.59 -7.49 -26.85
CA GLU A 163 -15.97 -8.61 -27.71
C GLU A 163 -15.42 -8.39 -29.11
N GLU A 164 -15.56 -7.16 -29.63
CA GLU A 164 -15.17 -6.89 -31.00
C GLU A 164 -13.66 -6.98 -31.16
N TYR A 165 -12.93 -6.50 -30.13
CA TYR A 165 -11.48 -6.35 -30.23
C TYR A 165 -10.79 -7.71 -30.09
N VAL A 166 -11.33 -8.55 -29.19
CA VAL A 166 -10.80 -9.89 -29.03
C VAL A 166 -10.94 -10.65 -30.36
N ASP A 167 -12.06 -10.41 -31.07
CA ASP A 167 -12.22 -11.03 -32.38
C ASP A 167 -11.15 -10.51 -33.34
N LEU A 168 -10.93 -9.19 -33.31
CA LEU A 168 -10.00 -8.55 -34.22
C LEU A 168 -8.59 -9.07 -33.95
N LEU A 169 -8.26 -9.29 -32.67
CA LEU A 169 -6.98 -9.86 -32.26
C LEU A 169 -6.70 -11.17 -32.99
N LYS A 170 -7.70 -12.07 -33.00
CA LYS A 170 -7.58 -13.35 -33.69
C LYS A 170 -7.23 -13.15 -35.16
N LYS A 171 -7.78 -12.10 -35.78
CA LYS A 171 -7.58 -11.84 -37.20
C LYS A 171 -6.22 -11.18 -37.43
N ASP A 172 -5.79 -10.33 -36.49
CA ASP A 172 -4.51 -9.64 -36.60
C ASP A 172 -3.75 -9.77 -35.29
N PRO A 173 -2.95 -10.85 -35.12
CA PRO A 173 -2.16 -11.08 -33.91
C PRO A 173 -1.01 -10.11 -33.66
N GLN A 174 -0.73 -9.22 -34.63
CA GLN A 174 0.29 -8.20 -34.48
C GLN A 174 -0.21 -7.05 -33.60
N LEU A 175 -1.55 -6.97 -33.40
CA LEU A 175 -2.14 -5.94 -32.55
C LEU A 175 -1.84 -6.24 -31.08
N PRO A 176 -1.80 -5.23 -30.17
CA PRO A 176 -1.56 -5.49 -28.76
C PRO A 176 -2.80 -6.09 -28.09
N ASP A 177 -2.60 -7.12 -27.26
CA ASP A 177 -3.66 -7.68 -26.43
C ASP A 177 -3.78 -6.81 -25.18
N VAL A 178 -4.72 -5.86 -25.18
CA VAL A 178 -4.73 -4.84 -24.14
C VAL A 178 -6.16 -4.37 -23.85
N PHE A 179 -6.45 -4.16 -22.55
CA PHE A 179 -7.62 -3.43 -22.08
C PHE A 179 -7.23 -2.53 -20.92
N ASP A 180 -7.67 -1.26 -20.98
CA ASP A 180 -7.34 -0.30 -19.92
C ASP A 180 -8.60 0.17 -19.21
N VAL A 181 -8.51 0.30 -17.88
CA VAL A 181 -9.51 1.02 -17.10
C VAL A 181 -8.88 2.28 -16.52
N PHE A 182 -9.42 3.44 -16.92
CA PHE A 182 -9.06 4.73 -16.35
C PHE A 182 -10.13 5.15 -15.34
N SER A 183 -9.69 5.34 -14.09
CA SER A 183 -10.55 5.89 -13.05
C SER A 183 -10.22 7.37 -12.92
N ASP A 184 -10.69 8.02 -11.85
CA ASP A 184 -10.28 9.41 -11.62
C ASP A 184 -8.78 9.48 -11.39
N LYS A 185 -8.25 8.50 -10.65
CA LYS A 185 -6.91 8.63 -10.10
C LYS A 185 -6.00 7.49 -10.53
N THR A 186 -6.53 6.51 -11.28
CA THR A 186 -5.72 5.33 -11.57
C THR A 186 -5.88 4.84 -13.00
N LEU A 187 -4.94 3.96 -13.37
CA LEU A 187 -4.98 3.16 -14.58
C LEU A 187 -4.75 1.69 -14.19
N VAL A 188 -5.62 0.82 -14.70
CA VAL A 188 -5.41 -0.62 -14.63
C VAL A 188 -5.25 -1.13 -16.06
N ASN A 189 -4.08 -1.71 -16.34
CA ASN A 189 -3.67 -2.16 -17.66
C ASN A 189 -3.48 -3.67 -17.63
N VAL A 190 -4.31 -4.39 -18.41
CA VAL A 190 -4.29 -5.84 -18.52
C VAL A 190 -4.47 -6.23 -19.99
N THR A 191 -4.57 -7.53 -20.28
CA THR A 191 -4.87 -7.98 -21.64
C THR A 191 -6.39 -7.94 -21.87
N ALA A 192 -6.78 -7.77 -23.14
CA ALA A 192 -8.17 -7.75 -23.54
C ALA A 192 -8.80 -9.14 -23.37
N THR A 193 -8.04 -10.18 -23.72
CA THR A 193 -8.52 -11.55 -23.70
C THR A 193 -8.86 -11.97 -22.27
N TYR A 194 -7.98 -11.62 -21.32
CA TYR A 194 -8.21 -11.92 -19.92
C TYR A 194 -9.37 -11.09 -19.38
N ALA A 195 -9.34 -9.78 -19.66
CA ALA A 195 -10.37 -8.88 -19.15
C ALA A 195 -11.76 -9.37 -19.55
N LEU A 196 -11.93 -9.77 -20.81
CA LEU A 196 -13.25 -10.13 -21.30
C LEU A 196 -13.75 -11.39 -20.59
N ASN A 197 -12.86 -12.38 -20.44
CA ASN A 197 -13.15 -13.63 -19.77
C ASN A 197 -13.49 -13.38 -18.29
N TRP A 198 -12.73 -12.51 -17.63
CA TRP A 198 -12.86 -12.29 -16.19
C TRP A 198 -14.17 -11.61 -15.85
N TYR A 199 -14.52 -10.54 -16.58
CA TYR A 199 -15.76 -9.83 -16.36
C TYR A 199 -16.95 -10.78 -16.57
N LYS A 200 -16.92 -11.55 -17.66
CA LYS A 200 -18.03 -12.44 -17.99
C LYS A 200 -18.17 -13.55 -16.95
N ASN A 201 -17.06 -14.24 -16.63
CA ASN A 201 -17.10 -15.39 -15.72
C ASN A 201 -17.45 -14.97 -14.29
N ASN A 202 -17.24 -13.69 -13.96
CA ASN A 202 -17.38 -13.23 -12.59
C ASN A 202 -18.61 -12.33 -12.44
N ASN A 203 -19.29 -12.07 -13.56
CA ASN A 203 -20.46 -11.20 -13.59
C ASN A 203 -20.11 -9.84 -13.02
N LYS A 204 -19.03 -9.24 -13.53
CA LYS A 204 -18.58 -7.94 -13.07
C LYS A 204 -18.36 -7.04 -14.27
N LEU A 205 -18.29 -5.73 -14.02
CA LEU A 205 -18.19 -4.74 -15.07
C LEU A 205 -17.02 -3.79 -14.78
N PRO A 206 -16.39 -3.21 -15.83
CA PRO A 206 -15.26 -2.31 -15.65
C PRO A 206 -15.55 -1.07 -14.80
N SER A 207 -16.80 -0.60 -14.79
CA SER A 207 -17.15 0.57 -14.00
C SER A 207 -16.79 0.33 -12.53
N GLU A 208 -16.88 -0.93 -12.09
CA GLU A 208 -16.57 -1.31 -10.72
C GLU A 208 -15.06 -1.35 -10.48
N THR A 209 -14.32 -1.78 -11.50
CA THR A 209 -12.87 -1.76 -11.43
C THR A 209 -12.40 -0.33 -11.14
N ALA A 210 -13.03 0.64 -11.82
CA ALA A 210 -12.60 2.02 -11.75
C ALA A 210 -12.97 2.60 -10.39
N ASN A 211 -14.20 2.32 -9.95
CA ASN A 211 -14.70 2.92 -8.72
C ASN A 211 -13.88 2.41 -7.52
N LYS A 212 -13.53 1.13 -7.56
CA LYS A 212 -12.82 0.50 -6.46
C LYS A 212 -11.39 1.02 -6.42
N SER A 213 -10.79 1.21 -7.61
CA SER A 213 -9.44 1.74 -7.70
C SER A 213 -9.36 3.11 -7.02
N ASP A 214 -10.38 3.94 -7.27
CA ASP A 214 -10.44 5.28 -6.70
C ASP A 214 -10.55 5.21 -5.19
N GLU A 215 -11.35 4.27 -4.68
CA GLU A 215 -11.53 4.08 -3.26
C GLU A 215 -10.20 3.71 -2.61
N VAL A 216 -9.36 2.93 -3.31
CA VAL A 216 -8.08 2.52 -2.75
C VAL A 216 -7.18 3.74 -2.57
N ILE A 217 -7.12 4.62 -3.59
CA ILE A 217 -6.26 5.80 -3.54
C ILE A 217 -6.75 6.77 -2.46
N LYS A 218 -8.07 6.94 -2.38
CA LYS A 218 -8.68 7.77 -1.34
C LYS A 218 -8.25 7.28 0.05
N GLU A 219 -8.50 6.00 0.34
CA GLU A 219 -8.19 5.43 1.63
C GLU A 219 -6.68 5.55 1.90
N THR A 220 -5.86 5.29 0.89
CA THR A 220 -4.42 5.34 1.03
C THR A 220 -3.97 6.76 1.38
N MET A 221 -4.56 7.74 0.71
CA MET A 221 -4.08 9.09 0.91
C MET A 221 -4.55 9.64 2.26
N LYS A 222 -5.76 9.25 2.69
CA LYS A 222 -6.22 9.54 4.04
C LYS A 222 -5.26 8.93 5.07
N TYR A 223 -4.95 7.63 4.94
CA TYR A 223 -4.06 6.95 5.86
C TYR A 223 -2.69 7.62 5.92
N TRP A 224 -2.23 8.19 4.80
CA TRP A 224 -0.90 8.78 4.71
C TRP A 224 -0.89 10.23 5.16
N GLY A 225 -2.08 10.79 5.46
CA GLY A 225 -2.20 12.12 6.02
C GLY A 225 -2.24 13.26 4.99
N PHE A 226 -2.61 12.93 3.74
CA PHE A 226 -2.85 13.96 2.73
C PHE A 226 -4.24 14.55 2.96
N ASP A 227 -4.33 15.54 3.86
CA ASP A 227 -5.63 16.00 4.32
C ASP A 227 -5.89 17.43 3.86
N GLU A 228 -5.02 17.95 2.99
CA GLU A 228 -5.17 19.27 2.39
C GLU A 228 -4.78 20.35 3.40
N SER A 229 -4.04 19.97 4.44
CA SER A 229 -3.67 20.88 5.52
C SER A 229 -2.49 21.77 5.12
N SER A 230 -1.79 21.39 4.04
CA SER A 230 -0.65 22.15 3.53
C SER A 230 -0.28 21.58 2.16
N GLU A 231 0.71 22.18 1.50
CA GLU A 231 1.08 21.74 0.16
C GLU A 231 1.56 20.29 0.18
N VAL A 232 2.43 19.97 1.15
CA VAL A 232 3.03 18.64 1.25
C VAL A 232 1.99 17.63 1.72
N ASN A 233 0.78 18.11 2.05
CA ASN A 233 -0.28 17.23 2.51
C ASN A 233 -1.49 17.34 1.58
N SER A 234 -1.28 17.82 0.35
CA SER A 234 -2.38 17.97 -0.59
C SER A 234 -2.27 16.97 -1.73
N ASP A 235 -3.43 16.66 -2.31
CA ASP A 235 -3.56 15.91 -3.55
C ASP A 235 -2.90 16.71 -4.67
N PHE A 236 -2.63 16.04 -5.80
CA PHE A 236 -2.05 16.71 -6.97
C PHE A 236 -2.45 15.93 -8.21
N ASN A 237 -2.06 16.39 -9.40
CA ASN A 237 -2.44 15.70 -10.63
C ASN A 237 -1.49 14.52 -10.86
N PHE A 238 -2.04 13.30 -10.80
CA PHE A 238 -1.29 12.09 -11.11
C PHE A 238 -2.25 10.99 -11.58
N ARG A 239 -1.69 9.93 -12.16
CA ARG A 239 -2.50 8.74 -12.39
C ARG A 239 -1.68 7.53 -11.94
N TYR A 240 -2.12 6.91 -10.84
CA TYR A 240 -1.43 5.73 -10.35
C TYR A 240 -1.68 4.60 -11.35
N ILE A 241 -0.65 3.78 -11.59
CA ILE A 241 -0.71 2.75 -12.62
C ILE A 241 -0.41 1.38 -12.01
N SER A 242 -1.34 0.43 -12.23
CA SER A 242 -1.08 -1.00 -12.08
C SER A 242 -1.10 -1.64 -13.46
N MET A 243 -0.02 -2.31 -13.84
CA MET A 243 0.06 -2.85 -15.19
C MET A 243 0.63 -4.27 -15.17
N LEU A 244 0.23 -5.05 -16.18
CA LEU A 244 0.76 -6.38 -16.41
C LEU A 244 2.25 -6.24 -16.74
N LYS A 245 3.06 -7.07 -16.08
CA LYS A 245 4.48 -7.12 -16.38
C LYS A 245 4.92 -8.58 -16.41
N TRP A 246 6.04 -8.83 -17.09
CA TRP A 246 6.59 -10.17 -17.15
C TRP A 246 7.53 -10.34 -15.96
N LEU A 247 7.05 -10.99 -14.90
CA LEU A 247 7.80 -10.97 -13.64
C LEU A 247 8.25 -12.39 -13.27
N ASP A 248 8.19 -13.31 -14.22
CA ASP A 248 8.39 -14.73 -13.94
C ASP A 248 9.69 -14.96 -13.16
N ASN A 249 10.74 -14.22 -13.54
CA ASN A 249 12.09 -14.43 -13.02
C ASN A 249 12.32 -13.53 -11.79
N GLY A 250 11.58 -12.42 -11.70
CA GLY A 250 11.71 -11.49 -10.58
C GLY A 250 10.93 -11.98 -9.36
N GLY A 251 10.52 -11.03 -8.50
CA GLY A 251 9.66 -11.32 -7.38
C GLY A 251 8.22 -11.59 -7.83
N PHE A 252 7.29 -11.66 -6.86
CA PHE A 252 5.90 -11.90 -7.19
C PHE A 252 5.33 -10.70 -7.94
N MET A 253 5.57 -9.50 -7.38
CA MET A 253 5.19 -8.22 -7.98
C MET A 253 6.32 -7.21 -7.76
N ASN A 254 6.12 -5.97 -8.25
CA ASN A 254 7.10 -4.91 -8.05
C ASN A 254 6.46 -3.52 -8.05
N ALA A 255 7.32 -2.50 -7.83
CA ALA A 255 6.90 -1.12 -7.60
C ALA A 255 8.00 -0.14 -7.98
N GLY A 256 7.58 1.12 -8.19
CA GLY A 256 8.43 2.24 -8.57
C GLY A 256 7.70 3.19 -9.51
N ASN A 257 7.97 4.49 -9.37
CA ASN A 257 7.53 5.49 -10.34
C ASN A 257 6.01 5.56 -10.40
N GLY A 258 5.35 5.26 -9.28
CA GLY A 258 3.89 5.27 -9.21
C GLY A 258 3.27 4.17 -10.05
N ILE A 259 3.99 3.06 -10.19
CA ILE A 259 3.51 1.92 -10.97
C ILE A 259 3.58 0.67 -10.08
N THR A 260 2.48 -0.08 -10.02
CA THR A 260 2.49 -1.45 -9.53
C THR A 260 2.53 -2.42 -10.72
N GLY A 261 3.51 -3.33 -10.71
CA GLY A 261 3.56 -4.38 -11.70
C GLY A 261 3.01 -5.67 -11.09
N PHE A 262 2.25 -6.44 -11.88
CA PHE A 262 1.74 -7.74 -11.46
C PHE A 262 1.91 -8.69 -12.64
N ASN A 263 2.02 -9.99 -12.35
CA ASN A 263 2.25 -10.99 -13.37
C ASN A 263 0.91 -11.43 -13.96
N LYS A 264 0.99 -12.30 -14.99
CA LYS A 264 -0.14 -12.73 -15.80
C LYS A 264 -1.28 -13.26 -14.94
N ALA A 265 -0.94 -14.09 -13.96
CA ALA A 265 -1.96 -14.81 -13.21
C ALA A 265 -2.72 -13.86 -12.29
N GLU A 266 -2.19 -12.64 -12.11
CA GLU A 266 -2.75 -11.71 -11.14
C GLU A 266 -3.62 -10.65 -11.82
N GLN A 267 -3.93 -10.85 -13.11
CA GLN A 267 -4.76 -9.90 -13.84
C GLN A 267 -6.13 -9.76 -13.19
N GLY A 268 -6.69 -10.89 -12.72
CA GLY A 268 -7.97 -10.88 -12.01
C GLY A 268 -7.92 -10.10 -10.70
N GLY A 269 -6.81 -10.25 -9.95
CA GLY A 269 -6.58 -9.44 -8.77
C GLY A 269 -6.63 -7.95 -9.10
N ALA A 270 -6.02 -7.58 -10.24
CA ALA A 270 -5.95 -6.19 -10.68
C ALA A 270 -7.35 -5.67 -10.99
N LEU A 271 -8.12 -6.45 -11.77
CA LEU A 271 -9.45 -6.04 -12.22
C LEU A 271 -10.42 -6.02 -11.05
N GLY A 272 -10.22 -6.95 -10.11
CA GLY A 272 -11.01 -7.02 -8.89
C GLY A 272 -10.58 -5.99 -7.84
N VAL A 273 -9.45 -5.31 -8.08
CA VAL A 273 -8.91 -4.33 -7.14
C VAL A 273 -8.65 -5.01 -5.79
N ASP A 274 -7.91 -6.12 -5.85
CA ASP A 274 -7.40 -6.84 -4.69
C ASP A 274 -6.69 -5.87 -3.75
N THR A 275 -7.01 -5.89 -2.46
CA THR A 275 -6.27 -5.08 -1.50
C THR A 275 -5.50 -5.95 -0.51
N GLY A 276 -5.19 -7.19 -0.92
CA GLY A 276 -4.37 -8.08 -0.12
C GLY A 276 -2.90 -7.66 -0.14
N TRP A 277 -2.07 -8.41 0.59
CA TRP A 277 -0.70 -8.01 0.89
C TRP A 277 0.10 -7.70 -0.38
N GLY A 278 0.10 -8.63 -1.34
CA GLY A 278 0.85 -8.48 -2.59
C GLY A 278 0.65 -7.11 -3.25
N PHE A 279 -0.61 -6.72 -3.50
CA PHE A 279 -0.89 -5.47 -4.21
C PHE A 279 -0.53 -4.26 -3.36
N MET A 280 -0.94 -4.27 -2.09
CA MET A 280 -0.83 -3.07 -1.27
C MET A 280 0.60 -2.84 -0.80
N HIS A 281 1.39 -3.91 -0.73
CA HIS A 281 2.81 -3.77 -0.43
C HIS A 281 3.49 -2.95 -1.51
N GLU A 282 3.12 -3.17 -2.77
CA GLU A 282 3.68 -2.41 -3.88
C GLU A 282 3.22 -0.96 -3.84
N MET A 283 1.94 -0.72 -3.54
CA MET A 283 1.48 0.64 -3.47
C MET A 283 2.24 1.37 -2.34
N GLY A 284 2.47 0.65 -1.24
CA GLY A 284 3.23 1.13 -0.11
C GLY A 284 4.63 1.65 -0.49
N HIS A 285 5.35 0.87 -1.30
CA HIS A 285 6.67 1.27 -1.78
C HIS A 285 6.56 2.59 -2.53
N ASN A 286 5.46 2.78 -3.28
CA ASN A 286 5.32 3.94 -4.14
C ASN A 286 4.99 5.18 -3.32
N PHE A 287 4.41 4.99 -2.13
CA PHE A 287 3.94 6.15 -1.37
C PHE A 287 4.98 6.73 -0.41
N ASP A 288 6.21 6.19 -0.32
CA ASP A 288 7.21 6.85 0.51
C ASP A 288 8.64 6.58 0.05
N THR A 289 9.38 7.68 -0.21
CA THR A 289 10.77 7.61 -0.64
C THR A 289 11.64 8.44 0.28
N ASN A 290 11.08 8.89 1.41
CA ASN A 290 11.78 9.80 2.31
C ASN A 290 13.04 9.15 2.86
N ASN A 291 14.22 9.71 2.53
CA ASN A 291 15.48 9.12 2.94
C ASN A 291 15.81 9.46 4.40
N ARG A 292 14.96 10.28 5.05
CA ARG A 292 15.10 10.59 6.46
C ARG A 292 14.57 9.44 7.33
N THR A 293 13.73 8.58 6.74
CA THR A 293 13.18 7.42 7.44
C THR A 293 13.72 6.13 6.84
N ILE A 294 13.19 4.98 7.28
CA ILE A 294 13.54 3.70 6.66
C ILE A 294 12.28 3.17 5.97
N VAL A 295 12.17 3.45 4.66
CA VAL A 295 10.91 3.23 3.96
C VAL A 295 10.63 1.74 3.78
N GLU A 296 11.69 0.93 3.76
CA GLU A 296 11.56 -0.52 3.65
C GLU A 296 10.80 -1.07 4.86
N VAL A 297 10.90 -0.36 5.99
CA VAL A 297 10.19 -0.82 7.18
C VAL A 297 8.79 -0.21 7.14
N THR A 298 8.73 1.12 6.99
CA THR A 298 7.53 1.89 7.26
C THR A 298 6.46 1.65 6.20
N ASN A 299 6.84 1.19 5.00
CA ASN A 299 5.89 1.08 3.90
C ASN A 299 4.91 -0.08 4.12
N ASN A 300 5.26 -0.98 5.04
CA ASN A 300 4.44 -2.12 5.40
C ASN A 300 3.18 -1.67 6.14
N MET A 301 3.19 -0.45 6.66
CA MET A 301 2.04 0.04 7.41
C MET A 301 0.83 0.06 6.50
N LEU A 302 1.06 0.23 5.18
CA LEU A 302 -0.04 0.34 4.24
C LEU A 302 -0.74 -1.00 4.06
N PRO A 303 -0.06 -2.09 3.62
CA PRO A 303 -0.74 -3.38 3.50
C PRO A 303 -1.37 -3.86 4.82
N LEU A 304 -0.71 -3.57 5.97
CA LEU A 304 -1.27 -3.97 7.26
C LEU A 304 -2.61 -3.29 7.50
N HIS A 305 -2.71 -1.99 7.15
CA HIS A 305 -3.94 -1.22 7.33
C HIS A 305 -5.07 -1.81 6.50
N PHE A 306 -4.76 -2.15 5.23
CA PHE A 306 -5.72 -2.70 4.31
C PHE A 306 -6.20 -4.07 4.79
N GLU A 307 -5.32 -4.80 5.48
CA GLU A 307 -5.70 -6.04 6.16
C GLU A 307 -6.69 -5.73 7.28
N ARG A 308 -6.35 -4.75 8.12
CA ARG A 308 -7.18 -4.44 9.27
C ARG A 308 -8.57 -3.94 8.84
N ILE A 309 -8.63 -3.05 7.84
CA ILE A 309 -9.92 -2.45 7.52
C ILE A 309 -10.85 -3.47 6.89
N LYS A 310 -10.33 -4.64 6.49
CA LYS A 310 -11.16 -5.70 5.91
C LYS A 310 -11.44 -6.81 6.93
N GLY A 311 -10.91 -6.67 8.16
CA GLY A 311 -11.07 -7.68 9.19
C GLY A 311 -10.16 -8.89 8.98
N VAL A 312 -9.12 -8.73 8.15
CA VAL A 312 -8.24 -9.83 7.81
C VAL A 312 -7.09 -9.83 8.82
N PRO A 313 -6.75 -10.98 9.43
CA PRO A 313 -5.58 -11.07 10.31
C PRO A 313 -4.33 -10.56 9.58
N SER A 314 -3.65 -9.59 10.20
CA SER A 314 -2.50 -8.94 9.57
C SER A 314 -1.40 -9.95 9.29
N ASN A 315 -0.48 -9.57 8.39
CA ASN A 315 0.65 -10.40 8.04
C ASN A 315 1.42 -10.76 9.31
N ILE A 316 1.39 -9.86 10.30
CA ILE A 316 2.11 -10.12 11.53
C ILE A 316 1.50 -11.35 12.23
N THR A 317 0.17 -11.49 12.15
CA THR A 317 -0.46 -12.72 12.63
C THR A 317 -0.14 -13.87 11.68
N ARG A 318 -0.25 -13.61 10.37
CA ARG A 318 -0.08 -14.65 9.38
C ARG A 318 1.30 -15.31 9.52
N GLN A 319 2.34 -14.51 9.82
CA GLN A 319 3.69 -15.05 9.99
C GLN A 319 3.94 -15.47 11.45
N ASN A 320 2.89 -15.53 12.28
CA ASN A 320 2.99 -16.04 13.64
C ASN A 320 4.03 -15.26 14.46
N LEU A 321 4.24 -13.98 14.15
CA LEU A 321 5.34 -13.23 14.73
C LEU A 321 4.99 -12.66 16.11
N TRP A 322 3.70 -12.41 16.34
CA TRP A 322 3.29 -11.95 17.67
C TRP A 322 3.82 -12.92 18.71
N GLU A 323 3.56 -14.22 18.50
CA GLU A 323 3.87 -15.26 19.48
C GLU A 323 5.34 -15.70 19.39
N ARG A 324 5.91 -15.74 18.17
CA ARG A 324 7.25 -16.26 18.00
C ARG A 324 8.31 -15.24 18.40
N ASN A 325 7.99 -13.95 18.30
CA ASN A 325 9.00 -12.92 18.26
C ASN A 325 8.68 -11.78 19.21
N ILE A 326 7.54 -11.11 18.96
CA ILE A 326 7.30 -9.77 19.47
C ILE A 326 6.92 -9.85 20.94
N LEU A 327 5.86 -10.59 21.25
CA LEU A 327 5.21 -10.52 22.54
C LEU A 327 6.12 -11.11 23.64
N PRO A 328 6.82 -12.24 23.43
CA PRO A 328 7.78 -12.74 24.43
C PRO A 328 8.97 -11.82 24.61
N LYS A 329 9.30 -11.02 23.58
CA LYS A 329 10.47 -10.17 23.66
C LYS A 329 10.16 -8.95 24.55
N VAL A 330 8.98 -8.35 24.37
CA VAL A 330 8.67 -7.06 24.98
C VAL A 330 8.23 -7.25 26.43
N ALA A 331 7.86 -8.48 26.81
CA ALA A 331 7.28 -8.72 28.11
C ALA A 331 8.33 -8.61 29.22
N LEU A 332 9.56 -9.04 28.93
CA LEU A 332 10.61 -9.17 29.94
C LEU A 332 10.94 -7.79 30.52
N ASP A 333 11.34 -7.76 31.79
CA ASP A 333 11.55 -6.51 32.50
C ASP A 333 12.96 -5.97 32.32
N ASP A 334 13.92 -6.84 32.01
CA ASP A 334 15.29 -6.39 31.80
C ASP A 334 15.56 -6.25 30.29
N TYR A 335 15.12 -5.12 29.72
CA TYR A 335 15.20 -4.90 28.29
C TYR A 335 16.54 -4.23 27.92
N ASP A 345 12.08 -11.09 4.75
CA ASP A 345 10.63 -10.78 4.65
C ASP A 345 10.10 -10.40 6.02
N LYS A 346 10.46 -11.21 7.03
CA LYS A 346 9.88 -11.18 8.36
C LYS A 346 10.70 -10.29 9.29
N SER A 347 12.01 -10.16 9.02
CA SER A 347 12.86 -9.23 9.73
C SER A 347 12.23 -7.83 9.71
N LEU A 348 11.61 -7.50 8.58
CA LEU A 348 11.02 -6.20 8.35
C LEU A 348 9.73 -6.02 9.15
N LEU A 349 8.95 -7.09 9.35
CA LEU A 349 7.72 -7.00 10.11
C LEU A 349 8.03 -6.77 11.58
N SER A 350 9.10 -7.41 12.08
CA SER A 350 9.56 -7.19 13.43
C SER A 350 9.92 -5.72 13.64
N HIS A 351 10.55 -5.11 12.62
CA HIS A 351 10.98 -3.74 12.75
C HIS A 351 9.79 -2.80 12.75
N VAL A 352 8.71 -3.17 12.03
CA VAL A 352 7.55 -2.30 11.90
C VAL A 352 6.62 -2.48 13.10
N ALA A 353 6.74 -3.63 13.79
CA ALA A 353 5.85 -4.05 14.86
C ALA A 353 5.52 -2.91 15.84
N PRO A 354 6.53 -2.20 16.42
CA PRO A 354 6.24 -1.15 17.40
C PRO A 354 5.33 -0.02 16.88
N LEU A 355 5.45 0.27 15.58
CA LEU A 355 4.69 1.32 14.94
C LEU A 355 3.27 0.84 14.67
N TRP A 356 3.16 -0.43 14.23
CA TRP A 356 1.87 -1.03 13.99
C TRP A 356 1.04 -1.06 15.28
N GLN A 357 1.71 -1.41 16.40
CA GLN A 357 1.07 -1.45 17.71
C GLN A 357 0.47 -0.10 18.09
N LEU A 358 1.24 0.97 17.86
CA LEU A 358 0.76 2.32 18.15
C LEU A 358 -0.46 2.65 17.29
N GLN A 359 -0.50 2.10 16.07
CA GLN A 359 -1.60 2.34 15.12
C GLN A 359 -2.82 1.51 15.52
N LEU A 360 -2.59 0.31 16.06
CA LEU A 360 -3.69 -0.48 16.60
C LEU A 360 -4.32 0.27 17.78
N TYR A 361 -3.46 0.90 18.60
CA TYR A 361 -3.90 1.58 19.81
C TYR A 361 -4.71 2.82 19.46
N ASP A 362 -4.24 3.56 18.44
CA ASP A 362 -4.89 4.80 18.03
C ASP A 362 -4.69 5.00 16.53
N LYS A 363 -5.78 4.81 15.79
CA LYS A 363 -5.83 4.81 14.34
C LYS A 363 -5.43 6.18 13.76
N THR A 364 -5.36 7.22 14.59
CA THR A 364 -4.93 8.53 14.10
C THR A 364 -3.40 8.65 14.07
N PHE A 365 -2.68 7.63 14.53
CA PHE A 365 -1.24 7.72 14.67
C PHE A 365 -0.55 7.90 13.32
N TRP A 366 -0.80 6.97 12.39
CA TRP A 366 0.04 6.88 11.19
C TRP A 366 -0.02 8.15 10.34
N PRO A 367 -1.22 8.67 9.97
CA PRO A 367 -1.30 9.90 9.18
C PRO A 367 -0.49 11.04 9.78
N ARG A 368 -0.57 11.19 11.11
CA ARG A 368 0.13 12.25 11.82
C ARG A 368 1.64 11.99 11.82
N PHE A 369 2.04 10.72 12.00
CA PHE A 369 3.44 10.34 11.95
C PHE A 369 4.01 10.66 10.56
N GLU A 370 3.31 10.22 9.50
CA GLU A 370 3.71 10.51 8.12
C GLU A 370 3.83 12.02 7.89
N GLN A 371 2.86 12.78 8.43
CA GLN A 371 2.85 14.24 8.30
C GLN A 371 4.12 14.85 8.89
N GLU A 372 4.56 14.35 10.06
CA GLU A 372 5.76 14.88 10.69
C GLU A 372 6.97 14.69 9.79
N PHE A 373 7.11 13.49 9.21
CA PHE A 373 8.29 13.16 8.40
C PHE A 373 8.24 13.89 7.05
N ARG A 374 7.03 14.25 6.60
CA ARG A 374 6.90 14.93 5.33
C ARG A 374 7.33 16.39 5.43
N SER A 375 7.16 17.00 6.61
CA SER A 375 7.25 18.45 6.66
C SER A 375 8.31 18.97 7.63
N ARG A 376 9.07 18.05 8.25
CA ARG A 376 10.03 18.45 9.26
C ARG A 376 11.40 17.86 8.95
N ASP A 377 12.43 18.61 9.38
CA ASP A 377 13.83 18.27 9.33
C ASP A 377 14.16 17.30 10.46
N ILE A 378 13.67 16.06 10.32
CA ILE A 378 13.87 15.03 11.33
C ILE A 378 14.39 13.77 10.64
N GLY A 379 15.00 12.89 11.43
CA GLY A 379 15.60 11.67 10.92
C GLY A 379 16.86 11.96 10.12
N GLY A 380 17.10 11.14 9.09
CA GLY A 380 18.35 11.16 8.34
C GLY A 380 19.45 10.41 9.08
N GLY A 381 20.60 10.25 8.41
CA GLY A 381 21.77 9.62 9.01
C GLY A 381 21.67 8.09 8.99
N SER A 382 22.30 7.47 9.99
CA SER A 382 22.42 6.03 10.10
C SER A 382 21.07 5.41 10.46
N TRP A 383 20.98 4.11 10.15
CA TRP A 383 19.96 3.18 10.63
C TRP A 383 19.49 3.58 12.02
N GLU A 384 20.44 3.61 12.97
CA GLU A 384 20.17 3.83 14.40
C GLU A 384 19.65 5.24 14.64
N ASN A 385 20.20 6.22 13.92
CA ASN A 385 19.76 7.61 14.06
C ASN A 385 18.29 7.75 13.66
N LYS A 386 17.89 7.08 12.58
CA LYS A 386 16.51 7.12 12.11
C LYS A 386 15.57 6.45 13.11
N HIS A 387 16.02 5.33 13.69
CA HIS A 387 15.25 4.66 14.72
C HIS A 387 14.93 5.63 15.84
N ASN A 388 15.95 6.39 16.26
CA ASN A 388 15.82 7.32 17.38
C ASN A 388 14.84 8.43 17.01
N ALA A 389 14.82 8.78 15.72
CA ALA A 389 13.90 9.82 15.25
C ALA A 389 12.45 9.33 15.35
N TRP A 390 12.21 8.05 15.07
CA TRP A 390 10.87 7.48 15.19
C TRP A 390 10.38 7.66 16.63
N VAL A 391 11.28 7.40 17.59
CA VAL A 391 10.89 7.41 19.00
C VAL A 391 10.44 8.82 19.36
N MET A 392 11.18 9.81 18.84
CA MET A 392 10.94 11.21 19.16
C MET A 392 9.66 11.69 18.49
N ALA A 393 9.51 11.35 17.20
CA ALA A 393 8.36 11.76 16.40
C ALA A 393 7.07 11.11 16.92
N ALA A 394 7.13 9.81 17.21
CA ALA A 394 5.99 9.08 17.76
C ALA A 394 5.64 9.65 19.14
N SER A 395 6.67 10.02 19.92
CA SER A 395 6.45 10.61 21.23
C SER A 395 5.70 11.94 21.11
N ASP A 396 6.14 12.80 20.18
CA ASP A 396 5.47 14.08 19.94
C ASP A 396 4.02 13.88 19.51
N VAL A 397 3.79 12.96 18.56
CA VAL A 397 2.44 12.72 18.05
C VAL A 397 1.52 12.34 19.21
N PHE A 398 1.99 11.47 20.12
CA PHE A 398 1.13 10.95 21.18
C PHE A 398 1.11 11.88 22.39
N LYS A 399 2.11 12.75 22.52
CA LYS A 399 2.41 13.46 23.76
C LYS A 399 2.69 12.44 24.87
N LEU A 400 3.40 11.35 24.52
CA LEU A 400 3.74 10.32 25.48
C LEU A 400 5.23 10.01 25.38
N ASP A 401 5.82 9.58 26.49
CA ASP A 401 7.21 9.18 26.47
C ASP A 401 7.29 7.73 26.01
N LEU A 402 7.59 7.53 24.71
CA LEU A 402 7.53 6.21 24.11
C LEU A 402 8.90 5.55 24.06
N SER A 403 9.87 6.06 24.83
CA SER A 403 11.21 5.49 24.83
C SER A 403 11.19 4.03 25.27
N GLU A 404 10.48 3.74 26.37
CA GLU A 404 10.40 2.39 26.91
C GLU A 404 9.76 1.45 25.89
N HIS A 405 8.66 1.90 25.26
CA HIS A 405 7.95 1.13 24.24
C HIS A 405 8.92 0.60 23.19
N PHE A 406 9.74 1.50 22.64
CA PHE A 406 10.64 1.14 21.56
C PHE A 406 11.83 0.33 22.09
N GLU A 407 12.37 0.69 23.27
CA GLU A 407 13.49 -0.09 23.77
C GLU A 407 13.06 -1.52 24.14
N ARG A 408 11.76 -1.72 24.44
CA ARG A 408 11.28 -3.07 24.75
C ARG A 408 11.28 -3.95 23.51
N HIS A 409 11.23 -3.34 22.32
CA HIS A 409 11.28 -4.06 21.06
C HIS A 409 12.73 -4.37 20.67
N GLY A 410 13.68 -3.87 21.49
CA GLY A 410 15.09 -4.17 21.35
C GLY A 410 15.85 -3.08 20.60
N MET A 411 15.23 -1.92 20.42
CA MET A 411 15.90 -0.79 19.80
C MET A 411 16.76 -0.09 20.84
N ASP A 412 17.89 0.47 20.39
CA ASP A 412 18.80 1.17 21.28
C ASP A 412 18.42 2.65 21.30
N VAL A 413 17.77 3.07 22.38
CA VAL A 413 17.33 4.45 22.51
C VAL A 413 18.38 5.22 23.30
N TRP A 414 18.85 6.34 22.73
CA TRP A 414 19.99 7.09 23.25
C TRP A 414 19.57 8.03 24.36
N LYS A 415 20.56 8.41 25.19
CA LYS A 415 20.36 9.26 26.36
C LYS A 415 19.61 10.52 25.96
N GLU A 416 20.03 11.16 24.86
CA GLU A 416 19.43 12.42 24.42
C GLU A 416 17.98 12.22 23.95
N THR A 417 17.69 11.10 23.29
CA THR A 417 16.34 10.77 22.85
C THR A 417 15.41 10.69 24.06
N LYS A 418 15.88 10.00 25.11
CA LYS A 418 15.15 9.82 26.37
C LYS A 418 14.94 11.18 27.04
N GLU A 419 15.96 12.04 26.99
CA GLU A 419 15.82 13.40 27.50
C GLU A 419 14.71 14.11 26.75
N TYR A 420 14.76 14.04 25.41
CA TYR A 420 13.78 14.69 24.55
C TYR A 420 12.36 14.22 24.92
N THR A 421 12.19 12.90 25.00
CA THR A 421 10.85 12.31 25.11
C THR A 421 10.33 12.43 26.53
N SER A 422 11.24 12.63 27.49
CA SER A 422 10.91 12.67 28.90
C SER A 422 10.14 13.95 29.25
N LYS A 423 9.95 14.83 28.25
CA LYS A 423 9.09 15.99 28.41
C LYS A 423 7.62 15.57 28.47
N TYR A 424 7.31 14.32 28.11
CA TYR A 424 5.95 13.81 28.19
C TYR A 424 5.83 12.75 29.28
N PRO A 425 4.61 12.52 29.81
CA PRO A 425 4.38 11.41 30.73
C PRO A 425 4.57 10.08 30.00
N LYS A 426 5.07 9.07 30.71
CA LYS A 426 5.06 7.70 30.23
C LYS A 426 3.61 7.28 29.97
N PRO A 427 3.33 6.34 29.03
CA PRO A 427 1.99 5.79 28.88
C PRO A 427 1.64 5.06 30.18
N SER A 428 0.35 5.02 30.51
CA SER A 428 -0.05 4.25 31.67
C SER A 428 -0.54 2.87 31.24
N ASN A 429 -0.49 2.60 29.94
CA ASN A 429 -0.83 1.30 29.39
C ASN A 429 0.44 0.66 28.83
N LYS A 430 0.52 -0.67 28.95
CA LYS A 430 1.62 -1.42 28.34
C LYS A 430 1.35 -1.59 26.85
N LEU A 431 1.61 -0.52 26.09
CA LEU A 431 1.22 -0.44 24.69
C LEU A 431 1.89 -1.55 23.89
N TRP A 432 3.01 -2.09 24.40
CA TRP A 432 3.75 -3.14 23.69
C TRP A 432 3.01 -4.48 23.73
N TYR A 433 1.87 -4.55 24.41
CA TYR A 433 1.07 -5.77 24.37
C TYR A 433 0.04 -5.72 23.24
N ALA A 434 -0.04 -4.59 22.51
CA ALA A 434 -0.99 -4.48 21.41
C ALA A 434 -0.76 -5.61 20.40
N ASN A 435 -1.85 -6.15 19.87
CA ASN A 435 -1.82 -7.18 18.84
C ASN A 435 -3.14 -7.20 18.08
N ASP A 436 -3.18 -7.96 16.98
CA ASP A 436 -4.28 -7.98 16.03
C ASP A 436 -5.61 -8.35 16.67
N LYS A 437 -5.61 -9.05 17.83
CA LYS A 437 -6.88 -9.39 18.47
C LYS A 437 -7.71 -8.13 18.76
N MET A 438 -7.03 -6.99 18.90
CA MET A 438 -7.69 -5.73 19.23
C MET A 438 -8.74 -5.35 18.17
N TYR A 439 -8.54 -5.75 16.90
CA TYR A 439 -9.58 -5.57 15.90
C TYR A 439 -10.30 -6.89 15.58
N LEU A 440 -9.58 -8.02 15.61
CA LEU A 440 -10.14 -9.30 15.23
C LEU A 440 -11.27 -9.74 16.18
N ASN A 441 -11.20 -9.34 17.46
CA ASN A 441 -12.18 -9.73 18.45
C ASN A 441 -13.56 -9.15 18.12
N LYS A 442 -13.58 -7.99 17.45
CA LYS A 442 -14.78 -7.17 17.31
C LYS A 442 -15.51 -7.09 18.66
N GLY A 443 -14.78 -6.70 19.70
CA GLY A 443 -15.33 -6.66 21.04
C GLY A 443 -15.18 -5.27 21.66
N GLY A 444 -15.19 -5.23 23.00
CA GLY A 444 -14.99 -3.97 23.71
C GLY A 444 -14.02 -4.15 24.87
N VAL A 445 -14.26 -3.38 25.92
CA VAL A 445 -13.38 -3.39 27.09
C VAL A 445 -13.94 -4.40 28.08
N PHE A 446 -13.16 -4.75 29.11
CA PHE A 446 -13.63 -5.69 30.11
C PHE A 446 -14.91 -5.17 30.76
N THR A 447 -15.89 -6.06 30.96
CA THR A 447 -17.03 -5.73 31.81
C THR A 447 -16.61 -5.82 33.28
N GLU A 448 -17.48 -5.26 34.13
CA GLU A 448 -17.32 -5.25 35.58
C GLU A 448 -17.45 -6.66 36.16
N ASN A 449 -17.85 -7.63 35.33
CA ASN A 449 -18.14 -8.97 35.82
C ASN A 449 -17.03 -9.94 35.43
N LEU A 450 -15.95 -9.40 34.86
CA LEU A 450 -14.86 -10.23 34.36
C LEU A 450 -14.52 -11.32 35.38
N LYS A 451 -14.50 -12.57 34.93
CA LYS A 451 -13.92 -13.65 35.71
C LYS A 451 -13.04 -14.47 34.78
N PHE A 452 -11.78 -14.65 35.17
CA PHE A 452 -10.89 -15.53 34.45
C PHE A 452 -10.07 -16.34 35.45
N GLU A 453 -9.54 -17.47 35.00
CA GLU A 453 -8.80 -18.40 35.84
C GLU A 453 -7.62 -18.95 35.07
N ALA A 454 -6.63 -19.45 35.80
CA ALA A 454 -5.48 -20.14 35.22
C ALA A 454 -5.30 -21.49 35.92
N GLU A 455 -4.86 -22.49 35.16
CA GLU A 455 -4.59 -23.81 35.69
C GLU A 455 -3.23 -24.28 35.18
N ALA A 456 -2.36 -24.76 36.09
CA ALA A 456 -1.04 -25.24 35.71
C ALA A 456 -1.00 -26.76 35.76
N LYS A 457 -0.29 -27.37 34.80
CA LYS A 457 0.01 -28.80 34.81
C LYS A 457 1.47 -28.95 34.39
N ILE A 458 2.13 -29.98 34.92
CA ILE A 458 3.53 -30.24 34.61
C ILE A 458 3.58 -31.22 33.43
N VAL A 459 4.21 -30.78 32.34
CA VAL A 459 4.23 -31.53 31.09
C VAL A 459 5.66 -31.64 30.57
N ASN A 460 5.83 -32.42 29.49
CA ASN A 460 7.08 -32.62 28.74
C ASN A 460 8.25 -32.84 29.70
N GLY A 461 8.00 -33.48 30.84
CA GLY A 461 9.02 -33.65 31.86
C GLY A 461 8.85 -32.69 33.03
N ASN A 462 9.16 -31.40 32.80
CA ASN A 462 9.23 -30.43 33.90
C ASN A 462 9.00 -29.00 33.40
N ASP A 463 8.11 -28.84 32.42
CA ASP A 463 7.57 -27.52 32.09
C ASP A 463 6.28 -27.31 32.86
N VAL A 464 5.97 -26.04 33.14
CA VAL A 464 4.68 -25.63 33.68
C VAL A 464 3.81 -25.10 32.54
N SER A 465 2.74 -25.84 32.22
CA SER A 465 1.80 -25.45 31.19
C SER A 465 0.58 -24.81 31.84
N ILE A 466 0.43 -23.50 31.62
CA ILE A 466 -0.62 -22.71 32.23
C ILE A 466 -1.69 -22.42 31.18
N SER A 467 -2.91 -22.94 31.39
CA SER A 467 -4.01 -22.64 30.49
C SER A 467 -4.93 -21.59 31.12
N PHE A 468 -5.60 -20.81 30.26
CA PHE A 468 -6.40 -19.67 30.68
C PHE A 468 -7.84 -19.87 30.23
N ASP A 469 -8.78 -19.60 31.15
N ASP A 469 -8.78 -19.60 31.15
CA ASP A 469 -10.20 -19.63 30.85
CA ASP A 469 -10.21 -19.63 30.87
C ASP A 469 -10.78 -18.29 31.28
C ASP A 469 -10.78 -18.27 31.27
N ILE A 470 -11.78 -17.80 30.52
CA ILE A 470 -12.41 -16.50 30.75
C ILE A 470 -13.92 -16.64 30.57
N ASP A 471 -14.68 -15.79 31.27
CA ASP A 471 -16.14 -15.79 31.21
C ASP A 471 -16.62 -15.48 29.80
N ASN A 472 -17.80 -16.04 29.49
CA ASN A 472 -18.42 -15.95 28.18
C ASN A 472 -18.60 -14.49 27.75
N GLU A 473 -18.98 -13.62 28.69
CA GLU A 473 -19.33 -12.25 28.32
C GLU A 473 -18.08 -11.48 27.91
N ASN A 474 -16.92 -11.94 28.37
CA ASN A 474 -15.68 -11.20 28.15
C ASN A 474 -14.77 -11.92 27.18
N LYS A 475 -15.26 -13.00 26.55
CA LYS A 475 -14.37 -13.86 25.79
C LYS A 475 -13.77 -13.12 24.58
N ASN A 476 -14.50 -12.13 24.06
CA ASN A 476 -14.07 -11.36 22.90
C ASN A 476 -13.55 -9.98 23.33
N ASN A 477 -13.31 -9.81 24.63
CA ASN A 477 -12.78 -8.55 25.16
C ASN A 477 -11.29 -8.67 25.44
N VAL A 478 -10.77 -9.91 25.45
CA VAL A 478 -9.41 -10.17 25.91
C VAL A 478 -8.47 -10.28 24.72
N ILE A 479 -7.27 -9.67 24.82
CA ILE A 479 -6.28 -9.74 23.76
C ILE A 479 -5.08 -10.57 24.18
N GLY A 480 -4.99 -10.88 25.49
CA GLY A 480 -3.90 -11.74 25.94
C GLY A 480 -3.72 -11.69 27.44
N TYR A 481 -2.77 -12.51 27.93
CA TYR A 481 -2.53 -12.64 29.36
C TYR A 481 -1.04 -12.46 29.61
N GLU A 482 -0.75 -11.66 30.62
CA GLU A 482 0.61 -11.46 31.09
C GLU A 482 0.87 -12.41 32.26
N ILE A 483 2.02 -13.09 32.20
CA ILE A 483 2.39 -14.10 33.19
C ILE A 483 3.57 -13.56 34.00
N SER A 484 3.38 -13.48 35.33
CA SER A 484 4.44 -13.15 36.27
C SER A 484 4.78 -14.37 37.13
N ARG A 485 6.05 -14.49 37.51
CA ARG A 485 6.48 -15.55 38.42
C ARG A 485 7.42 -14.94 39.47
N ASP A 486 7.17 -15.27 40.74
CA ASP A 486 7.98 -14.82 41.86
C ASP A 486 8.31 -13.33 41.71
N GLY A 487 7.33 -12.54 41.24
CA GLY A 487 7.41 -11.09 41.25
C GLY A 487 8.05 -10.48 39.99
N LYS A 488 8.38 -11.33 39.01
CA LYS A 488 8.97 -10.86 37.76
C LYS A 488 8.10 -11.31 36.58
N THR A 489 7.82 -10.37 35.66
CA THR A 489 7.09 -10.67 34.43
C THR A 489 7.90 -11.64 33.59
N ILE A 490 7.30 -12.77 33.20
CA ILE A 490 8.07 -13.77 32.46
C ILE A 490 7.49 -13.99 31.07
N GLY A 491 6.31 -13.44 30.78
CA GLY A 491 5.75 -13.61 29.45
C GLY A 491 4.44 -12.85 29.24
N PHE A 492 4.02 -12.82 27.98
CA PHE A 492 2.68 -12.40 27.57
C PHE A 492 2.33 -13.16 26.30
N THR A 493 1.13 -13.75 26.30
CA THR A 493 0.67 -14.46 25.13
C THR A 493 -0.73 -13.98 24.78
N SER A 494 -1.01 -13.92 23.47
CA SER A 494 -2.34 -13.60 22.99
C SER A 494 -3.16 -14.88 22.87
N THR A 495 -2.59 -16.03 23.29
CA THR A 495 -3.28 -17.31 23.21
C THR A 495 -3.85 -17.68 24.58
N ASN A 496 -4.54 -18.84 24.64
CA ASN A 496 -5.14 -19.35 25.86
C ASN A 496 -4.17 -20.24 26.63
N ASN A 497 -2.88 -20.23 26.27
CA ASN A 497 -1.95 -21.12 26.96
C ASN A 497 -0.54 -20.54 26.97
N PHE A 498 0.15 -20.67 28.10
CA PHE A 498 1.54 -20.27 28.20
C PHE A 498 2.36 -21.38 28.87
N VAL A 499 3.48 -21.77 28.25
CA VAL A 499 4.37 -22.76 28.84
C VAL A 499 5.59 -22.06 29.45
N ASP A 500 5.75 -22.24 30.76
CA ASP A 500 6.91 -21.73 31.49
C ASP A 500 7.97 -22.84 31.56
N HIS A 501 9.01 -22.69 30.73
CA HIS A 501 10.09 -23.66 30.59
C HIS A 501 11.18 -23.41 31.63
N GLY A 502 11.01 -22.37 32.47
CA GLY A 502 12.09 -21.90 33.31
C GLY A 502 11.73 -21.82 34.80
N ALA A 503 11.05 -22.84 35.30
CA ALA A 503 10.66 -22.89 36.71
C ALA A 503 11.39 -24.03 37.42
N ASN A 504 12.04 -23.69 38.55
CA ASN A 504 12.77 -24.62 39.40
C ASN A 504 11.89 -25.00 40.60
N HIS A 509 7.56 -21.50 43.69
CA HIS A 509 7.18 -20.52 42.64
C HIS A 509 5.72 -20.11 42.81
N GLU A 510 5.46 -18.79 42.84
CA GLU A 510 4.13 -18.22 42.85
C GLU A 510 3.88 -17.52 41.52
N TYR A 511 2.68 -17.71 40.94
CA TYR A 511 2.38 -17.14 39.63
C TYR A 511 1.30 -16.06 39.76
N SER A 512 1.37 -15.06 38.88
CA SER A 512 0.40 -13.97 38.85
C SER A 512 0.05 -13.62 37.41
N ILE A 513 -1.26 -13.71 37.09
CA ILE A 513 -1.76 -13.61 35.73
C ILE A 513 -2.65 -12.37 35.60
N VAL A 514 -2.34 -11.53 34.62
CA VAL A 514 -3.12 -10.33 34.35
C VAL A 514 -3.61 -10.38 32.91
N ALA A 515 -4.95 -10.35 32.73
CA ALA A 515 -5.57 -10.37 31.42
C ALA A 515 -5.65 -8.94 30.88
N TYR A 516 -5.59 -8.79 29.54
CA TYR A 516 -5.59 -7.47 28.92
C TYR A 516 -6.71 -7.39 27.89
N ASP A 517 -7.39 -6.24 27.85
CA ASP A 517 -8.55 -6.07 26.99
C ASP A 517 -8.20 -5.29 25.71
N ASN A 518 -9.22 -5.05 24.90
CA ASN A 518 -9.07 -4.57 23.53
C ASN A 518 -8.50 -3.14 23.52
N GLU A 519 -8.56 -2.44 24.65
CA GLU A 519 -7.94 -1.12 24.78
C GLU A 519 -6.69 -1.20 25.66
N ILE A 520 -6.12 -2.41 25.80
CA ILE A 520 -4.88 -2.63 26.54
C ILE A 520 -5.03 -2.19 28.00
N ASN A 521 -6.19 -2.45 28.59
CA ASN A 521 -6.32 -2.26 30.03
C ASN A 521 -6.07 -3.59 30.73
N PRO A 522 -5.29 -3.59 31.84
CA PRO A 522 -5.09 -4.81 32.64
C PRO A 522 -6.32 -5.11 33.51
N SER A 523 -6.57 -6.40 33.77
CA SER A 523 -7.48 -6.85 34.80
C SER A 523 -6.82 -6.76 36.17
N LYS A 524 -7.58 -7.09 37.23
CA LYS A 524 -6.99 -7.43 38.52
C LYS A 524 -6.20 -8.74 38.36
N PRO A 525 -5.12 -8.96 39.15
CA PRO A 525 -4.34 -10.19 39.04
C PRO A 525 -5.05 -11.43 39.57
N TYR A 526 -4.76 -12.58 38.95
CA TYR A 526 -5.12 -13.90 39.44
C TYR A 526 -3.86 -14.64 39.84
N ASN A 527 -3.73 -14.96 41.15
CA ASN A 527 -2.52 -15.57 41.67
C ASN A 527 -2.81 -17.00 42.10
N PHE A 528 -1.79 -17.87 41.95
CA PHE A 528 -1.85 -19.29 42.31
C PHE A 528 -0.45 -19.81 42.61
N LYS A 529 -0.36 -20.90 43.38
CA LYS A 529 0.89 -21.50 43.83
C LYS A 529 0.81 -23.02 43.74
O1 MES B . 11.58 7.83 -19.58
C2 MES B . 11.26 7.27 -18.31
C3 MES B . 11.80 5.86 -18.18
N4 MES B . 11.29 5.00 -19.30
C5 MES B . 11.60 5.66 -20.61
C6 MES B . 11.04 7.05 -20.63
C7 MES B . 11.84 3.59 -19.22
C8 MES B . 11.03 2.57 -20.00
S MES B . 11.10 0.92 -19.32
O1S MES B . 12.48 0.66 -19.03
O2S MES B . 10.28 0.95 -18.14
O3S MES B . 10.59 0.04 -20.34
O1 MES C . -0.96 35.94 -36.58
C2 MES C . -1.46 36.64 -35.45
C3 MES C . -1.26 35.86 -34.17
N4 MES C . -1.88 34.50 -34.29
C5 MES C . -1.36 33.81 -35.51
C6 MES C . -1.59 34.68 -36.72
C7 MES C . -1.71 33.71 -33.02
C8 MES C . -1.13 32.31 -33.18
S MES C . -1.01 31.46 -31.61
O1S MES C . 0.17 31.98 -30.99
O2S MES C . -0.90 30.06 -31.91
O3S MES C . -2.21 31.78 -30.91
C1 EDO D . 8.35 5.58 -15.34
O1 EDO D . 9.61 6.19 -15.43
C2 EDO D . 8.03 4.98 -16.64
O2 EDO D . 9.10 4.16 -17.11
C1 EDO E . -6.12 -14.66 24.95
O1 EDO E . -6.49 -13.77 23.90
C2 EDO E . -6.70 -16.02 24.85
O2 EDO E . -7.81 -16.08 23.99
C1 EDO F . -6.30 19.54 -33.82
O1 EDO F . -6.53 18.92 -35.08
C2 EDO F . -4.87 19.87 -33.63
O2 EDO F . -4.40 20.69 -34.68
C1 EDO G . -2.04 9.63 17.93
O1 EDO G . -2.47 10.63 17.03
C2 EDO G . -2.11 10.06 19.35
O2 EDO G . -3.26 10.84 19.60
C1 EDO H . -4.88 -2.49 -5.70
O1 EDO H . -5.50 -3.51 -6.50
C2 EDO H . -4.13 -1.40 -6.40
O2 EDO H . -3.12 -1.83 -7.32
#